data_4Y2T
#
_entry.id   4Y2T
#
_cell.length_a   92.373
_cell.length_b   92.373
_cell.length_c   244.194
_cell.angle_alpha   90.00
_cell.angle_beta   90.00
_cell.angle_gamma   120.00
#
_symmetry.space_group_name_H-M   'P 65 2 2'
#
loop_
_entity.id
_entity.type
_entity.pdbx_description
1 polymer 'Bifunctional epoxide hydrolase 2'
2 non-polymer 'MAGNESIUM ION'
3 non-polymer 3-[4-(benzyloxy)phenyl]propan-1-ol
4 water water
#
_entity_poly.entity_id   1
_entity_poly.type   'polypeptide(L)'
_entity_poly.pdbx_seq_one_letter_code
;MTLRAAVFDLDGVLALPAVFGVLGRTEEALALPRGLLNDAFQKGGPEGATTRLMKGEITLSQWIPLMEENCRKCSETAKV
CLPKNFSIKEIFDKAISARKINRPMLQAALMLRKKGFTTAILTNTWLDDRAERDGLAQLMCELKMHFDFLIESCQVGMVK
PEPQIYKFLLDTLKASPSEVVFLDDIGANLKPARDLGMVTILVQDTDTALKELEKVTGIQLLNTPAPLPTSCNPSDMSHG
YVTVKPRVRLHFVELGSGPAVCLCHGFPESWYSWRYQIPALAQAGYRVLAMDMKGYGESSAPPEIEEYCMEVLCKEMVTF
LDKLGLSQAVFIGHDWGGMLVWYMALFYPERVRAVASLNTPFIPANPNMSPLESIKANPVFDYQLYFQEPGVAEAELEQN
LSRTFKSLFRASDESVLSMHKVCEAGGLFVNSPEEPSLSRMVTEEEIQFYVQQFKKSGFRGPLNWYRNMERNWKWACKSL
GRKILIPALMVTAEKDFVLVPQMSQHMEDWIPHLKRGHIEDCGHWTQMDKPTEVNQILIKWLDSDARNPPVVSKMHHHHH
H
;
_entity_poly.pdbx_strand_id   A
#
loop_
_chem_comp.id
_chem_comp.type
_chem_comp.name
_chem_comp.formula
49Q non-polymer 3-[4-(benzyloxy)phenyl]propan-1-ol 'C16 H18 O2'
MG non-polymer 'MAGNESIUM ION' 'Mg 2'
#
# COMPACT_ATOMS: atom_id res chain seq x y z
N THR A 2 28.49 -4.75 -15.57
CA THR A 2 28.09 -5.26 -16.93
C THR A 2 26.55 -5.36 -17.16
N LEU A 3 25.89 -6.29 -16.44
CA LEU A 3 24.42 -6.43 -16.50
C LEU A 3 23.74 -5.26 -15.90
N ARG A 4 22.79 -4.68 -16.62
CA ARG A 4 22.12 -3.43 -16.20
C ARG A 4 20.58 -3.60 -16.26
N ALA A 5 20.14 -4.71 -16.81
CA ALA A 5 18.72 -4.90 -17.04
C ALA A 5 18.34 -6.31 -16.76
N ALA A 6 17.15 -6.51 -16.20
CA ALA A 6 16.60 -7.86 -15.99
C ALA A 6 15.16 -7.95 -16.50
N VAL A 7 14.87 -9.04 -17.23
CA VAL A 7 13.59 -9.18 -17.95
C VAL A 7 12.97 -10.49 -17.51
N PHE A 8 11.72 -10.41 -17.07
CA PHE A 8 11.00 -11.53 -16.54
C PHE A 8 9.78 -11.77 -17.36
N ASP A 9 9.48 -13.05 -17.53
CA ASP A 9 8.23 -13.44 -18.14
C ASP A 9 7.14 -13.46 -17.04
N LEU A 10 5.89 -13.44 -17.45
CA LEU A 10 4.80 -13.47 -16.47
C LEU A 10 4.43 -14.91 -16.18
N ASP A 11 3.88 -15.61 -17.15
CA ASP A 11 3.46 -17.00 -16.92
C ASP A 11 4.66 -17.86 -16.59
N GLY A 12 4.66 -18.40 -15.37
CA GLY A 12 5.64 -19.40 -14.99
C GLY A 12 6.91 -18.74 -14.46
N VAL A 13 6.96 -17.40 -14.44
CA VAL A 13 8.15 -16.79 -13.91
C VAL A 13 7.71 -15.86 -12.80
N LEU A 14 7.03 -14.76 -13.16
CA LEU A 14 6.43 -13.85 -12.15
C LEU A 14 5.09 -14.34 -11.53
N ALA A 15 4.40 -15.29 -12.18
CA ALA A 15 3.13 -15.84 -11.73
C ALA A 15 3.04 -17.36 -11.94
N LEU A 16 2.42 -18.03 -10.95
CA LEU A 16 2.40 -19.48 -10.80
C LEU A 16 1.06 -19.93 -10.18
N PRO A 17 0.58 -21.15 -10.51
CA PRO A 17 1.03 -22.03 -11.59
C PRO A 17 0.83 -21.36 -12.94
N ALA A 18 1.67 -21.72 -13.92
CA ALA A 18 1.55 -21.29 -15.30
C ALA A 18 0.27 -21.81 -15.96
N VAL A 19 -0.51 -20.94 -16.62
CA VAL A 19 -1.72 -21.43 -17.34
C VAL A 19 -1.43 -22.41 -18.49
N PHE A 20 -0.32 -22.24 -19.20
CA PHE A 20 0.21 -23.28 -20.14
C PHE A 20 0.09 -24.69 -19.47
N GLY A 21 0.32 -24.72 -18.15
CA GLY A 21 0.42 -25.92 -17.34
C GLY A 21 -0.90 -26.56 -16.98
N VAL A 22 -2.00 -25.80 -17.10
CA VAL A 22 -3.35 -26.36 -16.88
C VAL A 22 -3.73 -27.30 -18.01
N LEU A 23 -3.18 -27.04 -19.20
CA LEU A 23 -3.31 -27.96 -20.31
C LEU A 23 -2.83 -29.37 -19.90
N GLY A 24 -1.58 -29.48 -19.45
CA GLY A 24 -1.02 -30.74 -18.93
C GLY A 24 -1.82 -31.42 -17.81
N ARG A 25 -2.21 -30.64 -16.81
CA ARG A 25 -2.92 -31.20 -15.65
C ARG A 25 -4.34 -31.66 -16.01
N THR A 26 -4.99 -30.90 -16.88
CA THR A 26 -6.33 -31.27 -17.33
C THR A 26 -6.31 -32.63 -18.03
N GLU A 27 -5.40 -32.80 -19.01
CA GLU A 27 -5.18 -34.12 -19.65
C GLU A 27 -5.05 -35.23 -18.58
N GLU A 28 -4.18 -35.04 -17.58
CA GLU A 28 -4.01 -36.04 -16.51
C GLU A 28 -5.31 -36.27 -15.75
N ALA A 29 -5.83 -35.21 -15.11
CA ALA A 29 -7.12 -35.24 -14.40
C ALA A 29 -8.19 -35.97 -15.20
N LEU A 30 -8.21 -35.74 -16.50
CA LEU A 30 -9.27 -36.28 -17.34
C LEU A 30 -8.94 -37.59 -18.08
N ALA A 31 -7.76 -38.15 -17.80
CA ALA A 31 -7.30 -39.35 -18.55
C ALA A 31 -7.39 -39.19 -20.10
N LEU A 32 -7.06 -38.01 -20.60
CA LEU A 32 -6.97 -37.76 -22.03
C LEU A 32 -5.58 -38.14 -22.51
N PRO A 33 -5.42 -38.48 -23.82
CA PRO A 33 -4.09 -38.71 -24.45
C PRO A 33 -3.06 -37.64 -24.09
N ARG A 34 -1.87 -38.08 -23.68
CA ARG A 34 -0.85 -37.11 -23.22
C ARG A 34 -0.61 -36.10 -24.34
N GLY A 35 -0.58 -34.81 -23.98
CA GLY A 35 -0.29 -33.73 -24.93
C GLY A 35 -1.45 -33.20 -25.77
N LEU A 36 -2.58 -33.92 -25.79
CA LEU A 36 -3.73 -33.59 -26.66
C LEU A 36 -4.10 -32.09 -26.62
N LEU A 37 -4.19 -31.55 -25.41
CA LEU A 37 -4.55 -30.17 -25.18
C LEU A 37 -3.46 -29.23 -25.60
N ASN A 38 -2.20 -29.58 -25.32
CA ASN A 38 -1.13 -28.76 -25.81
C ASN A 38 -1.05 -28.76 -27.32
N ASP A 39 -1.39 -29.85 -27.98
CA ASP A 39 -1.45 -29.85 -29.47
C ASP A 39 -2.54 -28.94 -29.98
N ALA A 40 -3.73 -29.03 -29.40
CA ALA A 40 -4.83 -28.14 -29.76
C ALA A 40 -4.43 -26.66 -29.53
N PHE A 41 -3.85 -26.38 -28.36
CA PHE A 41 -3.35 -25.05 -28.06
C PHE A 41 -2.42 -24.54 -29.17
N GLN A 42 -1.50 -25.39 -29.63
CA GLN A 42 -0.44 -24.98 -30.56
C GLN A 42 -0.80 -25.22 -32.04
N LYS A 43 -1.92 -25.87 -32.30
CA LYS A 43 -2.29 -26.14 -33.69
C LYS A 43 -2.11 -24.98 -34.71
N GLY A 44 -1.51 -25.29 -35.87
CA GLY A 44 -1.32 -24.33 -36.94
C GLY A 44 -0.09 -23.46 -36.71
N GLY A 45 0.56 -23.62 -35.57
CA GLY A 45 1.74 -22.81 -35.24
C GLY A 45 1.59 -21.33 -35.57
N PRO A 46 2.62 -20.72 -36.19
CA PRO A 46 2.62 -19.29 -36.56
C PRO A 46 1.30 -18.77 -37.15
N GLU A 47 0.52 -19.63 -37.80
CA GLU A 47 -0.79 -19.22 -38.37
C GLU A 47 -2.02 -19.70 -37.60
N GLY A 48 -1.82 -20.40 -36.50
CA GLY A 48 -2.97 -20.93 -35.75
C GLY A 48 -3.66 -19.91 -34.85
N ALA A 49 -4.79 -20.33 -34.28
CA ALA A 49 -5.60 -19.47 -33.42
C ALA A 49 -4.76 -18.82 -32.29
N THR A 50 -3.93 -19.63 -31.63
CA THR A 50 -3.20 -19.15 -30.49
C THR A 50 -2.29 -17.99 -30.86
N THR A 51 -1.59 -18.09 -31.98
CA THR A 51 -0.67 -17.00 -32.33
C THR A 51 -1.38 -15.70 -32.68
N ARG A 52 -2.54 -15.81 -33.33
CA ARG A 52 -3.33 -14.61 -33.61
C ARG A 52 -3.83 -13.96 -32.30
N LEU A 53 -4.13 -14.79 -31.31
CA LEU A 53 -4.59 -14.34 -30.02
C LEU A 53 -3.47 -13.58 -29.33
N MET A 54 -2.29 -14.14 -29.39
CA MET A 54 -1.09 -13.62 -28.69
C MET A 54 -0.61 -12.34 -29.36
N LYS A 55 -0.89 -12.23 -30.67
CA LYS A 55 -0.60 -11.02 -31.44
C LYS A 55 -1.65 -9.90 -31.32
N GLY A 56 -2.80 -10.20 -30.71
CA GLY A 56 -3.78 -9.19 -30.47
C GLY A 56 -4.68 -9.07 -31.69
N GLU A 57 -4.63 -10.04 -32.59
CA GLU A 57 -5.57 -10.07 -33.72
C GLU A 57 -6.98 -10.35 -33.32
N ILE A 58 -7.15 -11.29 -32.39
CA ILE A 58 -8.46 -11.68 -31.90
C ILE A 58 -8.43 -11.58 -30.37
N THR A 59 -9.60 -11.50 -29.73
CA THR A 59 -9.67 -11.49 -28.28
C THR A 59 -9.84 -12.90 -27.70
N LEU A 60 -9.70 -13.01 -26.37
CA LEU A 60 -9.81 -14.32 -25.72
C LEU A 60 -11.13 -15.00 -26.02
N SER A 61 -12.23 -14.25 -26.02
CA SER A 61 -13.54 -14.88 -26.19
C SER A 61 -13.72 -15.35 -27.59
N GLN A 62 -13.08 -14.68 -28.54
CA GLN A 62 -13.15 -15.16 -29.91
C GLN A 62 -12.31 -16.43 -30.07
N TRP A 63 -11.23 -16.54 -29.29
CA TRP A 63 -10.30 -17.65 -29.44
C TRP A 63 -10.93 -18.91 -28.82
N ILE A 64 -11.73 -18.75 -27.77
CA ILE A 64 -12.22 -19.91 -27.04
C ILE A 64 -12.84 -20.96 -27.96
N PRO A 65 -13.80 -20.56 -28.83
CA PRO A 65 -14.37 -21.60 -29.68
C PRO A 65 -13.42 -22.13 -30.78
N LEU A 66 -12.41 -21.36 -31.18
CA LEU A 66 -11.38 -21.87 -32.11
C LEU A 66 -10.55 -23.00 -31.48
N MET A 67 -10.13 -22.80 -30.23
CA MET A 67 -9.37 -23.81 -29.48
C MET A 67 -10.24 -25.02 -29.23
N GLU A 68 -11.56 -24.81 -29.16
CA GLU A 68 -12.53 -25.89 -29.04
C GLU A 68 -12.54 -26.76 -30.28
N GLU A 69 -12.61 -26.10 -31.42
CA GLU A 69 -12.57 -26.80 -32.68
C GLU A 69 -11.26 -27.59 -32.71
N ASN A 70 -10.13 -26.94 -32.42
CA ASN A 70 -8.84 -27.64 -32.37
C ASN A 70 -8.81 -28.90 -31.50
N CYS A 71 -9.41 -28.87 -30.30
CA CYS A 71 -9.44 -30.02 -29.38
C CYS A 71 -10.18 -31.16 -29.98
N ARG A 72 -11.33 -30.84 -30.58
CA ARG A 72 -12.16 -31.75 -31.35
C ARG A 72 -11.31 -32.41 -32.50
N LYS A 73 -10.69 -31.62 -33.38
CA LYS A 73 -9.83 -32.16 -34.44
C LYS A 73 -8.70 -33.09 -33.92
N CYS A 74 -8.00 -32.62 -32.87
CA CYS A 74 -6.91 -33.38 -32.21
C CYS A 74 -7.37 -34.73 -31.65
N SER A 75 -8.57 -34.77 -31.05
CA SER A 75 -9.09 -36.01 -30.46
C SER A 75 -9.62 -36.98 -31.53
N GLU A 76 -10.21 -36.40 -32.58
CA GLU A 76 -10.65 -37.15 -33.77
C GLU A 76 -9.47 -37.90 -34.40
N THR A 77 -8.39 -37.19 -34.69
CA THR A 77 -7.19 -37.81 -35.26
C THR A 77 -6.46 -38.78 -34.28
N ALA A 78 -6.62 -38.57 -32.97
CA ALA A 78 -6.08 -39.50 -31.94
C ALA A 78 -7.06 -40.66 -31.62
N LYS A 79 -8.16 -40.72 -32.37
CA LYS A 79 -9.22 -41.72 -32.17
C LYS A 79 -9.62 -41.88 -30.68
N VAL A 80 -9.84 -40.73 -30.00
CA VAL A 80 -10.47 -40.64 -28.66
C VAL A 80 -11.65 -39.65 -28.62
N CYS A 81 -12.41 -39.68 -27.52
CA CYS A 81 -13.48 -38.71 -27.27
C CYS A 81 -13.12 -37.77 -26.11
N LEU A 82 -13.72 -36.59 -26.12
CA LEU A 82 -13.59 -35.67 -25.00
C LEU A 82 -14.82 -35.84 -24.09
N PRO A 83 -14.62 -35.72 -22.76
CA PRO A 83 -15.66 -35.77 -21.73
C PRO A 83 -16.96 -35.05 -22.08
N LYS A 84 -18.05 -35.45 -21.44
CA LYS A 84 -19.32 -34.72 -21.54
C LYS A 84 -19.15 -33.49 -20.67
N ASN A 85 -19.41 -32.34 -21.27
CA ASN A 85 -19.27 -31.02 -20.59
C ASN A 85 -17.80 -30.52 -20.46
N PHE A 86 -16.90 -31.10 -21.25
CA PHE A 86 -15.55 -30.59 -21.38
C PHE A 86 -15.65 -29.15 -21.90
N SER A 87 -15.02 -28.23 -21.17
CA SER A 87 -15.22 -26.80 -21.43
C SER A 87 -13.92 -26.01 -21.38
N ILE A 88 -13.47 -25.52 -22.53
CA ILE A 88 -12.29 -24.69 -22.56
C ILE A 88 -12.46 -23.41 -21.77
N LYS A 89 -13.66 -22.84 -21.82
CA LYS A 89 -13.94 -21.64 -21.05
C LYS A 89 -13.65 -21.94 -19.58
N GLU A 90 -14.18 -23.06 -19.11
CA GLU A 90 -14.07 -23.51 -17.74
C GLU A 90 -12.62 -23.75 -17.31
N ILE A 91 -11.93 -24.55 -18.10
CA ILE A 91 -10.52 -24.85 -17.89
C ILE A 91 -9.68 -23.53 -17.77
N PHE A 92 -9.92 -22.59 -18.71
CA PHE A 92 -9.15 -21.36 -18.73
C PHE A 92 -9.56 -20.42 -17.60
N ASP A 93 -10.85 -20.33 -17.28
CA ASP A 93 -11.34 -19.50 -16.17
C ASP A 93 -10.64 -19.90 -14.88
N LYS A 94 -10.62 -21.22 -14.67
CA LYS A 94 -10.07 -21.85 -13.49
C LYS A 94 -8.55 -21.63 -13.45
N ALA A 95 -7.86 -21.99 -14.55
CA ALA A 95 -6.41 -21.75 -14.64
C ALA A 95 -6.01 -20.28 -14.36
N ILE A 96 -6.66 -19.33 -15.06
CA ILE A 96 -6.33 -17.91 -14.92
C ILE A 96 -6.55 -17.41 -13.49
N SER A 97 -7.64 -17.76 -12.82
CA SER A 97 -7.71 -17.36 -11.38
C SER A 97 -6.83 -18.16 -10.43
N ALA A 98 -6.33 -19.32 -10.86
CA ALA A 98 -5.42 -20.09 -10.02
C ALA A 98 -4.05 -19.39 -9.93
N ARG A 99 -3.66 -18.67 -10.97
CA ARG A 99 -2.27 -18.19 -11.03
C ARG A 99 -2.06 -16.97 -10.12
N LYS A 100 -1.05 -17.01 -9.26
CA LYS A 100 -0.79 -15.95 -8.29
C LYS A 100 0.58 -15.43 -8.61
N ILE A 101 0.89 -14.23 -8.11
CA ILE A 101 2.24 -13.71 -8.12
C ILE A 101 3.12 -14.67 -7.35
N ASN A 102 4.24 -15.00 -7.95
CA ASN A 102 5.27 -15.76 -7.31
C ASN A 102 6.04 -14.72 -6.54
N ARG A 103 5.75 -14.60 -5.26
CA ARG A 103 6.33 -13.54 -4.42
C ARG A 103 7.86 -13.46 -4.43
N PRO A 104 8.58 -14.61 -4.29
CA PRO A 104 10.07 -14.49 -4.30
C PRO A 104 10.70 -14.00 -5.61
N MET A 105 10.06 -14.27 -6.72
CA MET A 105 10.47 -13.72 -7.98
C MET A 105 10.21 -12.20 -8.07
N LEU A 106 8.99 -11.74 -7.72
CA LEU A 106 8.75 -10.29 -7.59
C LEU A 106 9.84 -9.68 -6.69
N GLN A 107 10.09 -10.28 -5.52
CA GLN A 107 11.02 -9.61 -4.57
C GLN A 107 12.43 -9.56 -5.17
N ALA A 108 12.86 -10.61 -5.85
CA ALA A 108 14.11 -10.52 -6.57
C ALA A 108 14.03 -9.39 -7.63
N ALA A 109 12.98 -9.32 -8.41
CA ALA A 109 12.92 -8.18 -9.37
C ALA A 109 13.04 -6.83 -8.65
N LEU A 110 12.27 -6.68 -7.58
CA LEU A 110 12.29 -5.49 -6.72
C LEU A 110 13.69 -5.11 -6.26
N MET A 111 14.36 -6.08 -5.65
CA MET A 111 15.70 -5.88 -5.18
C MET A 111 16.66 -5.40 -6.32
N LEU A 112 16.61 -6.07 -7.48
CA LEU A 112 17.41 -5.67 -8.66
C LEU A 112 17.07 -4.24 -9.07
N ARG A 113 15.80 -3.90 -9.06
CA ARG A 113 15.42 -2.54 -9.37
C ARG A 113 16.04 -1.59 -8.36
N LYS A 114 15.97 -1.93 -7.08
CA LYS A 114 16.57 -1.11 -6.05
C LYS A 114 18.07 -0.90 -6.19
N LYS A 115 18.80 -1.87 -6.74
CA LYS A 115 20.24 -1.66 -6.95
C LYS A 115 20.50 -1.03 -8.30
N GLY A 116 19.47 -0.45 -8.92
CA GLY A 116 19.69 0.30 -10.15
C GLY A 116 19.45 -0.36 -11.49
N PHE A 117 19.02 -1.63 -11.48
CA PHE A 117 18.59 -2.32 -12.70
C PHE A 117 17.34 -1.72 -13.33
N THR A 118 17.29 -1.78 -14.66
CA THR A 118 16.07 -1.54 -15.37
C THR A 118 15.41 -2.90 -15.43
N THR A 119 14.14 -2.96 -15.00
CA THR A 119 13.40 -4.22 -15.01
C THR A 119 12.21 -4.14 -15.98
N ALA A 120 11.87 -5.27 -16.55
CA ALA A 120 10.77 -5.36 -17.53
C ALA A 120 10.12 -6.69 -17.47
N ILE A 121 8.83 -6.67 -17.75
CA ILE A 121 8.05 -7.86 -17.98
C ILE A 121 7.88 -7.97 -19.49
N LEU A 122 8.26 -9.13 -20.03
CA LEU A 122 7.96 -9.38 -21.41
C LEU A 122 7.16 -10.63 -21.44
N THR A 123 5.98 -10.52 -22.04
CA THR A 123 5.07 -11.62 -21.98
C THR A 123 4.23 -11.85 -23.25
N ASN A 124 4.02 -13.11 -23.60
CA ASN A 124 2.99 -13.48 -24.53
C ASN A 124 1.66 -13.52 -23.80
N THR A 125 0.75 -12.61 -24.10
CA THR A 125 -0.52 -12.59 -23.42
C THR A 125 -1.58 -12.12 -24.39
N TRP A 126 -2.81 -11.99 -23.90
CA TRP A 126 -3.99 -11.93 -24.78
C TRP A 126 -4.85 -10.75 -24.38
N LEU A 127 -5.71 -10.30 -25.30
CA LEU A 127 -6.75 -9.33 -24.98
C LEU A 127 -7.90 -10.09 -24.31
N ASP A 128 -8.11 -9.82 -23.05
CA ASP A 128 -8.99 -10.67 -22.25
C ASP A 128 -10.33 -9.99 -22.12
N ASP A 129 -11.36 -10.57 -22.72
CA ASP A 129 -12.73 -9.99 -22.65
C ASP A 129 -13.78 -10.88 -21.98
N ARG A 130 -13.33 -11.81 -21.14
CA ARG A 130 -14.22 -12.74 -20.45
C ARG A 130 -15.01 -11.97 -19.41
N ALA A 131 -16.15 -12.53 -19.02
CA ALA A 131 -16.90 -11.96 -17.89
C ALA A 131 -15.94 -11.76 -16.67
N GLU A 132 -14.98 -12.65 -16.50
CA GLU A 132 -14.17 -12.70 -15.31
C GLU A 132 -12.81 -11.99 -15.49
N ARG A 133 -12.66 -11.18 -16.56
CA ARG A 133 -11.38 -10.53 -16.88
C ARG A 133 -10.77 -9.64 -15.78
N ASP A 134 -11.62 -9.06 -14.94
CA ASP A 134 -11.14 -8.27 -13.81
C ASP A 134 -10.03 -8.96 -12.98
N GLY A 135 -10.11 -10.28 -12.83
CA GLY A 135 -9.11 -11.03 -12.05
C GLY A 135 -7.76 -10.80 -12.65
N LEU A 136 -7.60 -11.00 -13.94
CA LEU A 136 -6.30 -10.79 -14.52
C LEU A 136 -5.87 -9.29 -14.46
N ALA A 137 -6.83 -8.36 -14.62
CA ALA A 137 -6.51 -6.93 -14.67
C ALA A 137 -5.92 -6.56 -13.32
N GLN A 138 -6.50 -7.15 -12.26
CA GLN A 138 -5.96 -6.93 -10.94
C GLN A 138 -4.52 -7.44 -10.78
N LEU A 139 -4.25 -8.67 -11.23
CA LEU A 139 -2.89 -9.21 -11.21
C LEU A 139 -1.95 -8.26 -11.95
N MET A 140 -2.25 -7.95 -13.22
CA MET A 140 -1.34 -7.09 -14.01
C MET A 140 -1.06 -5.77 -13.32
N CYS A 141 -2.12 -5.18 -12.74
CA CYS A 141 -1.94 -3.92 -12.00
C CYS A 141 -1.01 -4.07 -10.84
N GLU A 142 -1.14 -5.16 -10.12
CA GLU A 142 -0.33 -5.31 -8.96
C GLU A 142 1.15 -5.49 -9.40
N LEU A 143 1.38 -6.26 -10.45
CA LEU A 143 2.75 -6.46 -10.97
C LEU A 143 3.36 -5.27 -11.67
N LYS A 144 2.61 -4.62 -12.56
CA LYS A 144 3.23 -3.67 -13.48
C LYS A 144 3.84 -2.46 -12.77
N MET A 145 3.26 -2.08 -11.63
CA MET A 145 3.77 -0.96 -10.80
C MET A 145 5.19 -1.18 -10.31
N HIS A 146 5.66 -2.44 -10.33
CA HIS A 146 6.98 -2.76 -9.77
C HIS A 146 8.10 -2.79 -10.82
N PHE A 147 7.74 -2.51 -12.07
CA PHE A 147 8.67 -2.62 -13.20
C PHE A 147 8.75 -1.36 -14.08
N ASP A 148 9.85 -1.20 -14.80
CA ASP A 148 10.00 -0.02 -15.69
C ASP A 148 9.20 -0.17 -16.94
N PHE A 149 8.97 -1.39 -17.39
CA PHE A 149 8.28 -1.63 -18.64
C PHE A 149 7.52 -2.92 -18.54
N LEU A 150 6.34 -2.90 -19.15
CA LEU A 150 5.56 -4.08 -19.36
C LEU A 150 5.39 -4.18 -20.87
N ILE A 151 5.82 -5.28 -21.48
CA ILE A 151 5.69 -5.41 -22.92
C ILE A 151 4.80 -6.62 -23.17
N GLU A 152 3.66 -6.39 -23.81
CA GLU A 152 2.67 -7.47 -24.03
C GLU A 152 2.51 -7.81 -25.48
N SER A 153 2.69 -9.09 -25.80
CA SER A 153 2.61 -9.55 -27.16
C SER A 153 1.39 -8.93 -27.83
N CYS A 154 0.22 -9.01 -27.19
CA CYS A 154 -1.03 -8.58 -27.81
C CYS A 154 -1.13 -7.04 -28.01
N GLN A 155 -0.25 -6.28 -27.36
CA GLN A 155 -0.23 -4.85 -27.57
C GLN A 155 0.79 -4.52 -28.67
N VAL A 156 1.96 -5.18 -28.72
CA VAL A 156 2.97 -4.82 -29.75
C VAL A 156 2.82 -5.60 -31.05
N GLY A 157 1.89 -6.55 -31.10
CA GLY A 157 1.63 -7.30 -32.32
C GLY A 157 2.71 -8.27 -32.74
N MET A 158 3.57 -8.66 -31.79
CA MET A 158 4.70 -9.59 -32.00
C MET A 158 4.67 -10.60 -30.82
N VAL A 159 5.31 -11.76 -30.95
CA VAL A 159 5.29 -12.78 -29.90
C VAL A 159 6.68 -13.38 -29.72
N LYS A 160 7.04 -13.78 -28.50
CA LYS A 160 8.16 -14.71 -28.37
C LYS A 160 7.71 -15.97 -29.12
N PRO A 161 8.62 -16.66 -29.85
CA PRO A 161 10.06 -16.42 -30.01
C PRO A 161 10.53 -15.60 -31.23
N GLU A 162 9.63 -14.92 -31.93
CA GLU A 162 10.01 -14.14 -33.12
C GLU A 162 11.09 -13.15 -32.77
N PRO A 163 12.13 -13.03 -33.62
CA PRO A 163 13.32 -12.23 -33.21
C PRO A 163 13.02 -10.73 -33.01
N GLN A 164 12.10 -10.19 -33.80
CA GLN A 164 11.75 -8.78 -33.77
C GLN A 164 11.33 -8.31 -32.37
N ILE A 165 10.63 -9.15 -31.60
CA ILE A 165 10.24 -8.72 -30.25
C ILE A 165 11.46 -8.54 -29.34
N TYR A 166 12.56 -9.29 -29.56
CA TYR A 166 13.76 -9.13 -28.69
C TYR A 166 14.45 -7.85 -29.07
N LYS A 167 14.29 -7.45 -30.34
CA LYS A 167 14.86 -6.18 -30.80
C LYS A 167 14.03 -5.09 -30.21
N PHE A 168 12.70 -5.26 -30.23
CA PHE A 168 11.78 -4.27 -29.60
C PHE A 168 12.15 -4.13 -28.14
N LEU A 169 12.29 -5.27 -27.45
CA LEU A 169 12.78 -5.29 -26.07
C LEU A 169 14.03 -4.47 -25.84
N LEU A 170 15.09 -4.78 -26.61
CA LEU A 170 16.41 -4.12 -26.42
C LEU A 170 16.24 -2.64 -26.60
N ASP A 171 15.48 -2.33 -27.64
CA ASP A 171 15.21 -0.96 -27.97
C ASP A 171 14.43 -0.24 -26.86
N THR A 172 13.41 -0.88 -26.30
CA THR A 172 12.73 -0.33 -25.11
C THR A 172 13.66 -0.15 -23.94
N LEU A 173 14.57 -1.10 -23.71
CA LEU A 173 15.50 -1.01 -22.58
C LEU A 173 16.60 0.01 -22.76
N LYS A 174 16.88 0.40 -24.01
CA LYS A 174 18.02 1.29 -24.25
C LYS A 174 19.26 0.61 -23.66
N ALA A 175 19.44 -0.67 -24.01
CA ALA A 175 20.52 -1.51 -23.49
C ALA A 175 21.08 -2.36 -24.62
N SER A 176 22.33 -2.79 -24.51
CA SER A 176 22.84 -3.77 -25.49
C SER A 176 22.56 -5.12 -24.89
N PRO A 177 22.49 -6.15 -25.75
CA PRO A 177 22.10 -7.51 -25.37
C PRO A 177 22.87 -8.03 -24.18
N SER A 178 24.18 -7.78 -24.15
CA SER A 178 25.04 -8.29 -23.11
C SER A 178 24.81 -7.63 -21.74
N GLU A 179 24.05 -6.56 -21.68
CA GLU A 179 23.69 -5.99 -20.37
C GLU A 179 22.38 -6.54 -19.75
N VAL A 180 21.82 -7.60 -20.35
CA VAL A 180 20.51 -8.07 -20.00
C VAL A 180 20.50 -9.53 -19.58
N VAL A 181 19.82 -9.79 -18.47
CA VAL A 181 19.48 -11.13 -18.09
C VAL A 181 17.99 -11.30 -18.38
N PHE A 182 17.62 -12.44 -18.95
CA PHE A 182 16.25 -12.67 -19.39
C PHE A 182 15.83 -14.04 -18.82
N LEU A 183 14.74 -14.10 -18.06
CA LEU A 183 14.32 -15.36 -17.49
C LEU A 183 13.00 -15.82 -18.05
N ASP A 184 12.94 -17.12 -18.35
CA ASP A 184 11.78 -17.69 -18.99
C ASP A 184 11.66 -19.13 -18.64
N ASP A 185 10.45 -19.63 -18.59
CA ASP A 185 10.28 -21.05 -18.30
C ASP A 185 10.30 -21.93 -19.58
N ILE A 186 10.35 -21.28 -20.73
CA ILE A 186 10.26 -21.97 -22.03
C ILE A 186 11.56 -21.79 -22.79
N GLY A 187 12.23 -22.90 -23.09
CA GLY A 187 13.59 -22.85 -23.66
C GLY A 187 13.59 -22.19 -25.02
N ALA A 188 12.59 -22.52 -25.83
CA ALA A 188 12.52 -21.97 -27.18
C ALA A 188 12.48 -20.42 -27.10
N ASN A 189 11.89 -19.90 -26.03
CA ASN A 189 11.81 -18.45 -25.89
C ASN A 189 13.09 -17.78 -25.45
N LEU A 190 13.98 -18.55 -24.86
CA LEU A 190 15.27 -18.05 -24.38
C LEU A 190 16.25 -17.91 -25.52
N LYS A 191 16.14 -18.88 -26.43
CA LYS A 191 17.04 -19.02 -27.58
C LYS A 191 17.31 -17.72 -28.32
N PRO A 192 16.24 -16.97 -28.71
CA PRO A 192 16.70 -15.83 -29.48
C PRO A 192 17.37 -14.81 -28.60
N ALA A 193 17.12 -14.83 -27.28
CA ALA A 193 17.82 -13.90 -26.36
C ALA A 193 19.26 -14.29 -26.35
N ARG A 194 19.52 -15.60 -26.27
CA ARG A 194 20.89 -16.11 -26.24
C ARG A 194 21.66 -15.77 -27.56
N ASP A 195 21.14 -16.19 -28.73
CA ASP A 195 21.61 -15.68 -30.07
C ASP A 195 22.10 -14.23 -30.12
N LEU A 196 21.47 -13.31 -29.39
CA LEU A 196 21.93 -11.90 -29.35
C LEU A 196 23.04 -11.68 -28.36
N GLY A 197 23.30 -12.71 -27.54
CA GLY A 197 24.25 -12.68 -26.44
C GLY A 197 23.71 -12.13 -25.13
N MET A 198 22.40 -12.19 -24.92
CA MET A 198 21.82 -11.95 -23.57
C MET A 198 22.15 -13.15 -22.65
N VAL A 199 22.26 -12.88 -21.34
CA VAL A 199 22.32 -13.93 -20.32
C VAL A 199 20.88 -14.41 -20.16
N THR A 200 20.70 -15.71 -20.03
CA THR A 200 19.36 -16.23 -19.97
C THR A 200 19.28 -17.17 -18.79
N ILE A 201 18.09 -17.32 -18.23
CA ILE A 201 17.91 -18.28 -17.18
C ILE A 201 16.66 -19.03 -17.55
N LEU A 202 16.81 -20.33 -17.60
CA LEU A 202 15.72 -21.22 -17.82
C LEU A 202 15.15 -21.52 -16.43
N VAL A 203 13.97 -20.95 -16.17
CA VAL A 203 13.35 -20.99 -14.86
C VAL A 203 12.53 -22.26 -14.77
N GLN A 204 13.01 -23.25 -14.01
CA GLN A 204 12.11 -24.35 -13.60
C GLN A 204 11.56 -24.04 -12.22
N ASP A 205 12.27 -24.40 -11.15
CA ASP A 205 11.81 -23.94 -9.82
C ASP A 205 12.43 -22.57 -9.57
N THR A 206 11.73 -21.75 -8.80
CA THR A 206 12.13 -20.40 -8.50
C THR A 206 13.50 -20.32 -7.88
N ASP A 207 13.76 -21.18 -6.90
CA ASP A 207 14.98 -21.02 -6.07
C ASP A 207 16.24 -21.23 -6.86
N THR A 208 16.21 -22.23 -7.74
CA THR A 208 17.33 -22.51 -8.61
C THR A 208 17.53 -21.35 -9.58
N ALA A 209 16.44 -20.92 -10.22
CA ALA A 209 16.50 -19.73 -11.10
C ALA A 209 17.10 -18.47 -10.40
N LEU A 210 16.77 -18.27 -9.11
CA LEU A 210 17.28 -17.11 -8.34
C LEU A 210 18.75 -17.30 -7.95
N LYS A 211 19.17 -18.56 -7.83
CA LYS A 211 20.57 -18.83 -7.50
C LYS A 211 21.43 -18.47 -8.69
N GLU A 212 20.97 -18.90 -9.87
CA GLU A 212 21.64 -18.50 -11.11
C GLU A 212 21.60 -16.98 -11.24
N LEU A 213 20.45 -16.37 -10.95
CA LEU A 213 20.31 -14.91 -11.09
C LEU A 213 21.21 -14.15 -10.15
N GLU A 214 21.49 -14.77 -9.01
CA GLU A 214 22.31 -14.16 -7.98
C GLU A 214 23.78 -14.26 -8.39
N LYS A 215 24.15 -15.41 -8.94
CA LYS A 215 25.52 -15.67 -9.37
C LYS A 215 25.84 -14.66 -10.42
N VAL A 216 24.99 -14.63 -11.42
CA VAL A 216 25.24 -13.83 -12.58
C VAL A 216 25.16 -12.33 -12.32
N THR A 217 24.25 -11.84 -11.46
CA THR A 217 24.24 -10.41 -11.19
C THR A 217 25.14 -9.99 -10.05
N GLY A 218 25.59 -10.95 -9.23
CA GLY A 218 26.39 -10.63 -8.05
C GLY A 218 25.66 -9.89 -6.93
N ILE A 219 24.32 -9.97 -6.91
CA ILE A 219 23.48 -9.30 -5.87
C ILE A 219 22.70 -10.33 -5.03
N GLN A 220 22.60 -10.14 -3.72
CA GLN A 220 21.90 -11.19 -2.98
C GLN A 220 20.37 -11.10 -3.15
N LEU A 221 19.75 -12.20 -3.59
CA LEU A 221 18.33 -12.22 -3.89
C LEU A 221 17.61 -13.26 -3.03
N LEU A 222 18.29 -14.38 -2.81
CA LEU A 222 17.81 -15.45 -1.94
C LEU A 222 18.12 -15.17 -0.48
N ASN A 223 17.24 -15.51 0.44
CA ASN A 223 17.58 -15.43 1.90
C ASN A 223 17.79 -14.01 2.45
N THR A 224 17.43 -13.03 1.65
CA THR A 224 17.42 -11.61 1.98
C THR A 224 16.50 -11.33 3.13
N PRO A 225 16.78 -10.31 3.96
CA PRO A 225 15.81 -10.12 5.04
C PRO A 225 14.42 -9.69 4.48
N ALA A 226 13.37 -9.86 5.27
CA ALA A 226 11.99 -9.46 4.91
C ALA A 226 11.93 -7.96 4.60
N PRO A 227 11.47 -7.59 3.38
CA PRO A 227 11.55 -6.20 2.89
C PRO A 227 10.39 -5.30 3.40
N LEU A 228 10.56 -4.00 3.49
CA LEU A 228 9.42 -3.12 3.80
C LEU A 228 8.23 -3.29 2.80
N PRO A 229 6.97 -3.05 3.23
CA PRO A 229 5.88 -2.98 2.24
C PRO A 229 6.17 -1.87 1.19
N THR A 230 5.47 -1.91 0.06
CA THR A 230 5.51 -0.86 -0.96
C THR A 230 5.18 0.50 -0.30
N SER A 231 5.91 1.53 -0.69
CA SER A 231 5.68 2.89 -0.22
C SER A 231 5.02 3.70 -1.38
N CYS A 232 4.78 4.97 -1.21
CA CYS A 232 4.07 5.75 -2.23
C CYS A 232 5.04 6.73 -2.76
N ASN A 233 5.04 6.93 -4.06
CA ASN A 233 5.75 8.07 -4.57
C ASN A 233 4.76 9.26 -4.73
N PRO A 234 4.97 10.39 -3.99
CA PRO A 234 3.93 11.43 -3.98
C PRO A 234 3.45 11.86 -5.35
N SER A 235 4.34 11.91 -6.34
CA SER A 235 3.96 12.46 -7.62
C SER A 235 3.36 11.37 -8.52
N ASP A 236 3.23 10.15 -8.03
CA ASP A 236 2.37 9.17 -8.70
C ASP A 236 0.97 9.01 -8.07
N MET A 237 0.63 9.79 -7.05
CA MET A 237 -0.67 9.62 -6.44
C MET A 237 -1.73 10.46 -7.16
N SER A 238 -2.96 10.02 -7.11
CA SER A 238 -4.05 10.91 -7.37
C SER A 238 -4.23 11.84 -6.15
N HIS A 239 -4.14 13.16 -6.40
CA HIS A 239 -4.31 14.20 -5.39
C HIS A 239 -5.73 14.80 -5.49
N GLY A 240 -6.45 14.78 -4.36
CA GLY A 240 -7.83 15.24 -4.28
C GLY A 240 -8.01 16.50 -3.45
N TYR A 241 -8.95 17.36 -3.87
CA TYR A 241 -9.21 18.59 -3.14
C TYR A 241 -10.68 18.85 -2.97
N VAL A 242 -11.09 19.12 -1.73
CA VAL A 242 -12.47 19.40 -1.43
C VAL A 242 -12.54 20.64 -0.55
N THR A 243 -13.29 21.65 -1.03
CA THR A 243 -13.63 22.82 -0.22
C THR A 243 -14.81 22.48 0.67
N VAL A 244 -14.58 22.56 1.97
CA VAL A 244 -15.60 22.20 2.97
C VAL A 244 -16.28 23.44 3.56
N LYS A 245 -15.69 24.61 3.34
CA LYS A 245 -16.32 25.89 3.61
C LYS A 245 -15.34 26.91 3.03
N PRO A 246 -15.76 28.19 2.91
CA PRO A 246 -15.04 29.23 2.14
C PRO A 246 -13.55 29.37 2.39
N ARG A 247 -13.08 29.42 3.60
CA ARG A 247 -11.63 29.56 3.67
C ARG A 247 -10.89 28.22 3.83
N VAL A 248 -11.59 27.11 3.67
CA VAL A 248 -11.00 25.84 4.09
C VAL A 248 -11.13 24.74 3.06
N ARG A 249 -10.02 24.37 2.49
CA ARG A 249 -10.04 23.24 1.60
C ARG A 249 -9.08 22.10 2.06
N LEU A 250 -9.53 20.86 1.92
CA LEU A 250 -8.83 19.72 2.38
C LEU A 250 -8.29 18.91 1.22
N HIS A 251 -7.03 18.50 1.34
CA HIS A 251 -6.31 17.73 0.34
C HIS A 251 -6.22 16.29 0.85
N PHE A 252 -6.30 15.32 -0.05
CA PHE A 252 -6.05 13.95 0.32
C PHE A 252 -5.46 13.28 -0.88
N VAL A 253 -4.90 12.10 -0.68
CA VAL A 253 -4.34 11.27 -1.72
C VAL A 253 -5.28 10.09 -1.75
N GLU A 254 -5.50 9.50 -2.90
CA GLU A 254 -6.56 8.47 -3.00
C GLU A 254 -6.07 7.30 -3.84
N LEU A 255 -6.22 6.09 -3.31
CA LEU A 255 -5.83 4.86 -4.07
C LEU A 255 -6.79 3.72 -3.78
N GLY A 256 -7.12 2.96 -4.82
CA GLY A 256 -7.99 1.75 -4.70
C GLY A 256 -9.51 1.95 -4.85
N SER A 257 -10.21 0.83 -4.85
CA SER A 257 -11.67 0.84 -4.97
C SER A 257 -12.19 -0.11 -3.93
N GLY A 258 -13.48 -0.01 -3.58
CA GLY A 258 -14.04 -0.80 -2.45
C GLY A 258 -14.47 0.13 -1.34
N PRO A 259 -14.69 -0.40 -0.12
CA PRO A 259 -15.26 0.51 0.90
C PRO A 259 -14.27 1.65 1.15
N ALA A 260 -14.78 2.86 1.39
CA ALA A 260 -13.94 4.03 1.58
C ALA A 260 -13.24 3.97 3.00
N VAL A 261 -11.95 4.28 3.07
CA VAL A 261 -11.19 4.16 4.34
C VAL A 261 -10.41 5.43 4.44
N CYS A 262 -10.76 6.23 5.43
CA CYS A 262 -10.17 7.55 5.54
C CYS A 262 -9.11 7.58 6.63
N LEU A 263 -7.89 7.86 6.24
CA LEU A 263 -6.75 7.86 7.13
C LEU A 263 -6.42 9.27 7.65
N CYS A 264 -6.35 9.38 8.97
CA CYS A 264 -6.22 10.67 9.66
C CYS A 264 -4.90 10.68 10.48
N HIS A 265 -3.88 11.36 9.97
CA HIS A 265 -2.58 11.43 10.65
C HIS A 265 -2.54 12.28 11.94
N GLY A 266 -1.43 12.16 12.69
CA GLY A 266 -1.26 12.87 13.96
C GLY A 266 -0.36 14.10 13.82
N PHE A 267 0.11 14.64 14.96
CA PHE A 267 0.95 15.80 14.96
C PHE A 267 2.45 15.41 15.07
N PRO A 268 3.35 16.05 14.30
CA PRO A 268 3.12 16.97 13.25
C PRO A 268 3.42 16.23 11.99
N GLU A 269 2.43 15.65 11.34
CA GLU A 269 2.68 14.69 10.28
C GLU A 269 2.03 15.11 8.91
N SER A 270 1.38 14.18 8.19
CA SER A 270 1.10 14.31 6.76
C SER A 270 0.37 13.07 6.23
N TRP A 271 -0.37 13.21 5.12
CA TRP A 271 -0.86 12.02 4.44
C TRP A 271 0.24 11.03 4.26
N TYR A 272 1.44 11.53 3.92
CA TYR A 272 2.63 10.72 3.70
C TYR A 272 3.07 9.81 4.87
N SER A 273 2.59 10.13 6.04
CA SER A 273 2.81 9.27 7.20
C SER A 273 2.18 7.91 7.00
N TRP A 274 1.19 7.83 6.11
CA TRP A 274 0.52 6.56 5.78
C TRP A 274 1.12 5.85 4.58
N ARG A 275 2.25 6.33 4.08
CA ARG A 275 2.77 5.82 2.80
C ARG A 275 2.89 4.30 2.71
N TYR A 276 3.08 3.61 3.83
CA TYR A 276 3.23 2.15 3.82
C TYR A 276 1.87 1.41 3.85
N GLN A 277 0.82 2.07 4.33
CA GLN A 277 -0.49 1.46 4.41
C GLN A 277 -1.30 1.73 3.14
N ILE A 278 -1.03 2.85 2.46
CA ILE A 278 -1.84 3.19 1.29
C ILE A 278 -1.89 2.10 0.21
N PRO A 279 -0.74 1.65 -0.34
CA PRO A 279 -0.80 0.52 -1.32
C PRO A 279 -1.37 -0.79 -0.74
N ALA A 280 -0.99 -1.14 0.50
CA ALA A 280 -1.45 -2.40 1.12
C ALA A 280 -2.98 -2.47 1.31
N LEU A 281 -3.58 -1.42 1.85
CA LEU A 281 -5.06 -1.34 1.98
C LEU A 281 -5.77 -1.25 0.58
N ALA A 282 -5.20 -0.54 -0.38
CA ALA A 282 -5.78 -0.55 -1.75
C ALA A 282 -5.73 -1.97 -2.26
N GLN A 283 -4.53 -2.54 -2.19
CA GLN A 283 -4.32 -3.93 -2.62
C GLN A 283 -5.28 -4.89 -1.92
N ALA A 284 -5.64 -4.58 -0.67
CA ALA A 284 -6.54 -5.44 0.07
C ALA A 284 -8.02 -5.20 -0.24
N GLY A 285 -8.34 -4.30 -1.19
CA GLY A 285 -9.74 -4.12 -1.64
C GLY A 285 -10.47 -2.95 -0.99
N TYR A 286 -9.73 -1.94 -0.55
CA TYR A 286 -10.33 -0.74 0.00
C TYR A 286 -10.01 0.48 -0.84
N ARG A 287 -10.87 1.51 -0.73
CA ARG A 287 -10.67 2.83 -1.34
C ARG A 287 -10.06 3.67 -0.28
N VAL A 288 -8.75 3.93 -0.40
CA VAL A 288 -8.07 4.61 0.70
C VAL A 288 -8.14 6.11 0.46
N LEU A 289 -8.60 6.92 1.43
CA LEU A 289 -8.36 8.36 1.35
C LEU A 289 -7.39 8.86 2.48
N ALA A 290 -6.17 9.22 2.11
CA ALA A 290 -5.18 9.62 3.11
C ALA A 290 -5.18 11.12 3.17
N MET A 291 -5.68 11.69 4.26
CA MET A 291 -5.78 13.15 4.38
C MET A 291 -4.44 13.83 4.71
N ASP A 292 -4.28 15.06 4.22
CA ASP A 292 -3.65 16.13 5.00
C ASP A 292 -4.76 16.69 5.88
N MET A 293 -4.61 16.58 7.21
CA MET A 293 -5.64 17.11 8.12
C MET A 293 -5.60 18.64 8.10
N LYS A 294 -6.68 19.31 8.43
CA LYS A 294 -6.63 20.75 8.49
C LYS A 294 -5.37 21.24 9.26
N GLY A 295 -4.64 22.17 8.67
CA GLY A 295 -3.42 22.67 9.30
C GLY A 295 -2.16 22.24 8.58
N TYR A 296 -2.28 21.27 7.68
CA TYR A 296 -1.13 20.58 7.12
C TYR A 296 -1.05 20.50 5.62
N GLY A 297 0.20 20.56 5.14
CA GLY A 297 0.50 20.13 3.79
C GLY A 297 -0.27 21.00 2.82
N GLU A 298 -1.00 20.36 1.91
CA GLU A 298 -1.80 21.09 0.97
C GLU A 298 -3.24 21.39 1.43
N SER A 299 -3.60 21.04 2.66
CA SER A 299 -4.91 21.48 3.20
C SER A 299 -4.76 22.89 3.71
N SER A 300 -5.84 23.58 3.94
CA SER A 300 -5.78 24.96 4.38
C SER A 300 -5.35 24.96 5.81
N ALA A 301 -4.82 26.11 6.24
CA ALA A 301 -4.31 26.32 7.56
C ALA A 301 -4.66 27.72 8.02
N PRO A 302 -5.95 27.99 8.35
CA PRO A 302 -6.30 29.31 8.90
C PRO A 302 -5.61 29.44 10.25
N PRO A 303 -5.32 30.67 10.68
CA PRO A 303 -4.58 31.01 11.92
C PRO A 303 -5.33 30.88 13.22
N GLU A 304 -6.63 31.13 13.19
CA GLU A 304 -7.39 31.24 14.42
C GLU A 304 -7.46 29.90 15.15
N ILE A 305 -7.23 29.92 16.47
CA ILE A 305 -7.23 28.72 17.32
C ILE A 305 -8.49 27.90 17.21
N GLU A 306 -9.65 28.53 17.22
CA GLU A 306 -10.97 27.85 17.26
C GLU A 306 -11.24 27.09 15.96
N GLU A 307 -10.53 27.43 14.90
CA GLU A 307 -10.65 26.71 13.65
C GLU A 307 -10.27 25.25 13.88
N TYR A 308 -9.60 24.94 15.00
CA TYR A 308 -9.03 23.61 15.27
C TYR A 308 -9.59 22.88 16.47
N CYS A 309 -10.74 23.31 17.01
CA CYS A 309 -11.39 22.56 18.09
C CYS A 309 -11.99 21.33 17.40
N MET A 310 -12.17 20.25 18.16
CA MET A 310 -12.57 18.96 17.63
C MET A 310 -13.92 19.01 16.93
N GLU A 311 -14.86 19.73 17.54
CA GLU A 311 -16.14 19.99 16.95
C GLU A 311 -16.10 20.48 15.50
N VAL A 312 -15.29 21.51 15.24
CA VAL A 312 -15.17 22.11 13.92
C VAL A 312 -14.49 21.11 13.00
N LEU A 313 -13.50 20.41 13.52
CA LEU A 313 -12.70 19.52 12.71
C LEU A 313 -13.61 18.38 12.26
N CYS A 314 -14.41 17.87 13.18
CA CYS A 314 -15.38 16.80 12.91
C CYS A 314 -16.41 17.23 11.88
N LYS A 315 -17.12 18.35 12.12
CA LYS A 315 -18.14 18.84 11.19
C LYS A 315 -17.48 18.93 9.83
N GLU A 316 -16.27 19.45 9.77
CA GLU A 316 -15.58 19.54 8.47
C GLU A 316 -15.33 18.17 7.76
N MET A 317 -15.05 17.11 8.52
CA MET A 317 -14.79 15.78 7.96
C MET A 317 -16.09 15.21 7.47
N VAL A 318 -17.18 15.57 8.12
CA VAL A 318 -18.53 15.18 7.68
C VAL A 318 -18.87 15.81 6.35
N THR A 319 -18.64 17.12 6.26
CA THR A 319 -18.81 17.91 5.02
C THR A 319 -17.97 17.36 3.87
N PHE A 320 -16.77 16.90 4.20
CA PHE A 320 -15.86 16.28 3.22
C PHE A 320 -16.50 15.00 2.64
N LEU A 321 -17.04 14.17 3.51
CA LEU A 321 -17.84 13.04 3.03
C LEU A 321 -19.01 13.50 2.14
N ASP A 322 -19.75 14.52 2.56
CA ASP A 322 -20.88 15.05 1.79
C ASP A 322 -20.42 15.44 0.39
N LYS A 323 -19.38 16.26 0.29
CA LYS A 323 -19.01 16.73 -1.03
C LYS A 323 -18.45 15.63 -1.89
N LEU A 324 -17.92 14.55 -1.30
CA LEU A 324 -17.46 13.39 -2.10
C LEU A 324 -18.60 12.45 -2.43
N GLY A 325 -19.77 12.67 -1.80
CA GLY A 325 -20.95 11.79 -1.98
C GLY A 325 -20.73 10.44 -1.29
N LEU A 326 -20.09 10.43 -0.10
CA LEU A 326 -19.81 9.21 0.68
C LEU A 326 -20.74 9.25 1.86
N SER A 327 -21.61 8.26 2.02
CA SER A 327 -22.50 8.28 3.15
C SER A 327 -21.76 7.87 4.41
N GLN A 328 -20.72 7.04 4.24
CA GLN A 328 -19.85 6.60 5.35
C GLN A 328 -18.41 6.43 4.90
N ALA A 329 -17.52 6.35 5.89
CA ALA A 329 -16.20 5.81 5.63
C ALA A 329 -15.79 5.15 6.88
N VAL A 330 -14.88 4.19 6.74
CA VAL A 330 -14.08 3.76 7.86
C VAL A 330 -13.08 4.89 8.23
N PHE A 331 -13.03 5.25 9.52
CA PHE A 331 -12.05 6.21 9.97
C PHE A 331 -10.97 5.54 10.78
N ILE A 332 -9.75 5.75 10.31
CA ILE A 332 -8.57 5.26 10.97
C ILE A 332 -7.58 6.38 11.28
N GLY A 333 -7.29 6.53 12.55
CA GLY A 333 -6.50 7.66 13.05
C GLY A 333 -5.29 7.25 13.87
N HIS A 334 -4.32 8.17 13.98
CA HIS A 334 -3.09 7.99 14.76
C HIS A 334 -2.83 9.30 15.51
N ASP A 335 -2.53 9.21 16.80
CA ASP A 335 -2.19 10.44 17.58
C ASP A 335 -3.41 11.40 17.59
N TRP A 336 -3.23 12.69 17.27
CA TRP A 336 -4.40 13.61 17.15
C TRP A 336 -5.48 13.07 16.22
N GLY A 337 -5.10 12.44 15.11
CA GLY A 337 -6.08 11.82 14.19
C GLY A 337 -6.85 10.72 14.92
N GLY A 338 -6.16 10.08 15.88
CA GLY A 338 -6.77 9.00 16.64
C GLY A 338 -7.88 9.57 17.50
N MET A 339 -7.59 10.67 18.21
CA MET A 339 -8.57 11.29 19.06
C MET A 339 -9.74 11.73 18.24
N LEU A 340 -9.46 12.21 17.02
CA LEU A 340 -10.53 12.77 16.21
C LEU A 340 -11.52 11.72 15.74
N VAL A 341 -11.02 10.52 15.41
CA VAL A 341 -11.91 9.48 14.91
C VAL A 341 -12.77 8.93 16.03
N TRP A 342 -12.27 8.82 17.25
CA TRP A 342 -13.19 8.42 18.34
C TRP A 342 -14.34 9.43 18.44
N TYR A 343 -14.05 10.72 18.31
CA TYR A 343 -15.09 11.74 18.33
C TYR A 343 -16.03 11.67 17.14
N MET A 344 -15.51 11.28 15.97
CA MET A 344 -16.38 11.04 14.83
C MET A 344 -17.37 9.91 15.15
N ALA A 345 -16.86 8.80 15.72
CA ALA A 345 -17.73 7.72 16.21
C ALA A 345 -18.79 8.15 17.20
N LEU A 346 -18.45 9.02 18.14
CA LEU A 346 -19.39 9.49 19.16
C LEU A 346 -20.43 10.50 18.73
N PHE A 347 -20.15 11.27 17.70
CA PHE A 347 -21.02 12.37 17.33
C PHE A 347 -21.62 12.17 15.95
N TYR A 348 -20.98 11.34 15.11
CA TYR A 348 -21.46 10.97 13.74
C TYR A 348 -21.41 9.47 13.38
N PRO A 349 -21.89 8.60 14.29
CA PRO A 349 -21.88 7.14 14.04
C PRO A 349 -22.49 6.72 12.69
N GLU A 350 -23.50 7.45 12.21
CA GLU A 350 -24.15 7.09 10.92
C GLU A 350 -23.16 7.29 9.75
N ARG A 351 -22.16 8.15 9.95
CA ARG A 351 -21.14 8.43 8.93
C ARG A 351 -19.87 7.57 9.05
N VAL A 352 -19.76 6.79 10.13
CA VAL A 352 -18.58 6.00 10.40
C VAL A 352 -18.91 4.49 10.29
N ARG A 353 -18.40 3.86 9.23
CA ARG A 353 -18.61 2.45 8.97
C ARG A 353 -17.95 1.62 10.06
N ALA A 354 -16.81 2.09 10.55
CA ALA A 354 -15.99 1.43 11.57
C ALA A 354 -14.92 2.46 11.99
N VAL A 355 -14.41 2.33 13.20
CA VAL A 355 -13.42 3.29 13.68
C VAL A 355 -12.22 2.53 14.25
N ALA A 356 -11.02 2.99 13.93
CA ALA A 356 -9.81 2.45 14.56
C ALA A 356 -8.79 3.53 14.90
N SER A 357 -8.10 3.36 16.01
CA SER A 357 -7.03 4.27 16.42
C SER A 357 -5.70 3.52 16.73
N LEU A 358 -4.60 4.08 16.28
CA LEU A 358 -3.26 3.59 16.59
C LEU A 358 -2.78 4.49 17.72
N ASN A 359 -2.32 3.90 18.82
CA ASN A 359 -1.76 4.64 19.98
C ASN A 359 -2.74 5.46 20.80
N THR A 360 -3.59 6.28 20.19
CA THR A 360 -4.49 7.15 20.95
C THR A 360 -5.68 6.38 21.53
N PRO A 361 -5.74 6.27 22.86
CA PRO A 361 -6.87 5.61 23.50
C PRO A 361 -8.07 6.56 23.50
N PHE A 362 -9.29 6.05 23.67
CA PHE A 362 -10.43 6.92 23.93
C PHE A 362 -10.48 7.19 25.43
N ILE A 363 -10.34 8.44 25.82
CA ILE A 363 -10.66 8.78 27.22
C ILE A 363 -11.79 9.81 27.27
N PRO A 364 -12.85 9.45 27.97
CA PRO A 364 -13.96 10.39 28.13
C PRO A 364 -13.54 11.69 28.79
N ALA A 365 -14.28 12.75 28.60
CA ALA A 365 -13.96 13.95 29.33
C ALA A 365 -14.22 13.70 30.83
N ASN A 366 -13.44 14.30 31.71
CA ASN A 366 -13.78 14.29 33.13
C ASN A 366 -14.65 15.48 33.47
N PRO A 367 -15.93 15.27 33.80
CA PRO A 367 -16.75 16.48 33.98
C PRO A 367 -16.41 17.25 35.29
N ASN A 368 -15.69 16.60 36.19
CA ASN A 368 -15.31 17.20 37.47
C ASN A 368 -13.92 17.81 37.49
N MET A 369 -13.31 18.09 36.35
CA MET A 369 -11.92 18.53 36.38
C MET A 369 -11.64 19.28 35.12
N SER A 370 -11.11 20.48 35.29
CA SER A 370 -10.81 21.28 34.12
C SER A 370 -9.71 20.52 33.38
N PRO A 371 -9.81 20.44 32.05
CA PRO A 371 -8.87 19.62 31.24
C PRO A 371 -7.37 19.98 31.39
N LEU A 372 -7.00 21.26 31.45
CA LEU A 372 -5.61 21.69 31.76
C LEU A 372 -5.07 20.98 32.99
N GLU A 373 -5.91 20.88 34.01
CA GLU A 373 -5.55 20.24 35.25
C GLU A 373 -5.37 18.74 35.05
N SER A 374 -6.30 18.10 34.33
CA SER A 374 -6.17 16.69 33.98
C SER A 374 -4.85 16.53 33.27
N ILE A 375 -4.51 17.45 32.37
CA ILE A 375 -3.25 17.34 31.59
C ILE A 375 -2.02 17.48 32.50
N LYS A 376 -2.12 18.40 33.46
CA LYS A 376 -1.08 18.59 34.49
C LYS A 376 -0.85 17.37 35.41
N ALA A 377 -1.85 16.53 35.59
CA ALA A 377 -1.73 15.32 36.41
C ALA A 377 -0.85 14.25 35.77
N ASN A 378 -0.35 14.46 34.55
CA ASN A 378 0.45 13.39 33.95
C ASN A 378 1.76 13.88 33.39
N PRO A 379 2.85 13.63 34.10
CA PRO A 379 4.12 14.27 33.72
C PRO A 379 4.40 14.22 32.20
N VAL A 380 3.99 13.14 31.55
CA VAL A 380 4.34 12.94 30.16
C VAL A 380 3.53 13.79 29.15
N PHE A 381 2.47 14.45 29.60
CA PHE A 381 1.78 15.38 28.76
C PHE A 381 2.33 16.78 28.95
N ASP A 382 3.44 16.94 29.67
CA ASP A 382 3.99 18.28 29.88
C ASP A 382 4.23 19.01 28.52
N TYR A 383 4.64 18.24 27.50
CA TYR A 383 4.81 18.80 26.17
C TYR A 383 3.51 19.51 25.66
N GLN A 384 2.35 19.00 26.05
CA GLN A 384 1.12 19.67 25.67
C GLN A 384 0.98 21.07 26.32
N LEU A 385 1.61 21.29 27.48
CA LEU A 385 1.48 22.61 28.14
C LEU A 385 2.39 23.58 27.44
N TYR A 386 3.55 23.06 27.04
CA TYR A 386 4.51 23.85 26.29
C TYR A 386 3.83 24.36 25.05
N PHE A 387 2.87 23.63 24.47
CA PHE A 387 2.30 24.00 23.18
C PHE A 387 1.22 25.07 23.27
N GLN A 388 0.81 25.41 24.50
CA GLN A 388 -0.28 26.36 24.74
C GLN A 388 -0.05 27.80 24.28
N GLU A 389 1.11 28.36 24.62
CA GLU A 389 1.40 29.77 24.44
C GLU A 389 1.65 30.07 22.94
N PRO A 390 0.72 30.78 22.30
CA PRO A 390 1.00 30.88 20.85
C PRO A 390 2.37 31.49 20.59
N GLY A 391 3.11 30.91 19.66
CA GLY A 391 4.38 31.46 19.19
C GLY A 391 5.56 30.67 19.70
N VAL A 392 5.48 30.27 20.96
CA VAL A 392 6.65 29.65 21.59
C VAL A 392 7.04 28.37 20.86
N ALA A 393 6.12 27.40 20.75
CA ALA A 393 6.47 26.15 20.08
C ALA A 393 6.69 26.38 18.58
N GLU A 394 5.94 27.32 17.98
CA GLU A 394 6.16 27.60 16.54
C GLU A 394 7.63 27.95 16.22
N ALA A 395 8.18 28.83 17.04
CA ALA A 395 9.53 29.34 16.85
C ALA A 395 10.55 28.22 16.97
N GLU A 396 10.43 27.40 18.00
CA GLU A 396 11.35 26.24 18.12
C GLU A 396 11.18 25.23 16.98
N LEU A 397 9.97 24.90 16.61
CA LEU A 397 9.77 23.84 15.61
C LEU A 397 10.09 24.30 14.20
N GLU A 398 9.80 25.56 13.90
CA GLU A 398 10.12 26.15 12.59
C GLU A 398 11.56 26.55 12.39
N GLN A 399 12.35 26.54 13.44
CA GLN A 399 13.64 27.11 13.32
C GLN A 399 14.54 26.31 12.36
N ASN A 400 14.50 25.00 12.46
CA ASN A 400 15.29 24.16 11.60
C ASN A 400 14.46 22.91 11.33
N LEU A 401 13.76 22.92 10.21
CA LEU A 401 12.77 21.88 9.91
C LEU A 401 13.37 20.50 9.83
N SER A 402 14.50 20.40 9.13
CA SER A 402 15.18 19.13 9.02
C SER A 402 15.43 18.59 10.43
N ARG A 403 16.00 19.41 11.29
CA ARG A 403 16.37 18.96 12.60
C ARG A 403 15.10 18.56 13.39
N THR A 404 14.02 19.35 13.22
CA THR A 404 12.75 19.01 13.88
C THR A 404 12.29 17.56 13.58
N PHE A 405 12.20 17.19 12.31
CA PHE A 405 11.67 15.89 11.95
C PHE A 405 12.67 14.83 12.16
N LYS A 406 13.94 15.13 11.91
CA LYS A 406 14.92 14.16 12.27
C LYS A 406 14.97 13.87 13.79
N SER A 407 14.76 14.87 14.67
CA SER A 407 14.66 14.65 16.14
C SER A 407 13.37 13.94 16.64
N LEU A 408 12.23 14.24 16.00
CA LEU A 408 10.92 13.64 16.30
C LEU A 408 10.82 12.24 15.77
N PHE A 409 11.02 12.06 14.46
CA PHE A 409 10.84 10.74 13.86
C PHE A 409 11.93 9.72 14.21
N ARG A 410 11.82 9.09 15.38
CA ARG A 410 12.87 8.14 15.85
C ARG A 410 12.20 6.88 16.40
N ALA A 411 12.83 5.72 16.17
CA ALA A 411 12.43 4.42 16.76
C ALA A 411 12.70 4.42 18.26
N SER A 412 12.16 3.42 18.96
CA SER A 412 12.13 3.48 20.43
C SER A 412 13.52 3.37 21.08
N ASP A 413 14.44 2.71 20.38
CA ASP A 413 15.86 2.64 20.78
C ASP A 413 16.80 3.74 20.23
N GLU A 414 16.28 4.86 19.69
CA GLU A 414 17.16 5.86 19.09
C GLU A 414 16.89 7.23 19.65
N SER A 415 15.97 7.32 20.60
CA SER A 415 15.32 8.61 20.85
C SER A 415 16.25 9.61 21.48
N VAL A 416 16.16 10.88 21.08
CA VAL A 416 17.01 11.99 21.60
C VAL A 416 16.26 13.01 22.49
N LEU A 417 14.93 12.92 22.52
CA LEU A 417 14.05 13.85 23.27
C LEU A 417 13.03 13.08 24.08
N SER A 418 12.96 13.39 25.38
CA SER A 418 11.93 12.85 26.27
C SER A 418 10.85 13.90 26.48
N MET A 419 9.60 13.47 26.60
CA MET A 419 8.48 14.41 26.68
C MET A 419 8.29 14.94 28.09
N HIS A 420 9.41 14.95 28.79
CA HIS A 420 9.49 14.97 30.23
C HIS A 420 10.06 16.32 30.68
N LYS A 421 9.24 17.09 31.37
CA LYS A 421 9.67 18.40 31.88
C LYS A 421 10.22 19.31 30.76
N VAL A 422 9.44 19.38 29.68
CA VAL A 422 9.71 20.16 28.49
C VAL A 422 9.60 21.66 28.76
N CYS A 423 8.56 22.06 29.50
CA CYS A 423 8.41 23.48 29.88
C CYS A 423 9.68 23.95 30.65
N GLU A 424 9.98 23.24 31.75
CA GLU A 424 11.10 23.52 32.63
C GLU A 424 12.41 23.71 31.86
N ALA A 425 12.69 22.77 30.95
CA ALA A 425 13.87 22.80 30.10
C ALA A 425 13.88 23.97 29.11
N GLY A 426 12.74 24.61 28.89
CA GLY A 426 12.68 25.66 27.92
C GLY A 426 12.41 25.18 26.50
N GLY A 427 12.25 23.89 26.28
CA GLY A 427 11.84 23.44 24.94
C GLY A 427 11.96 21.95 24.66
N LEU A 428 11.47 21.53 23.50
CA LEU A 428 11.47 20.12 23.09
C LEU A 428 12.85 19.63 22.71
N PHE A 429 13.70 20.52 22.17
CA PHE A 429 15.00 20.14 21.59
C PHE A 429 16.23 20.67 22.32
N VAL A 430 16.02 21.21 23.50
CA VAL A 430 17.12 21.83 24.26
C VAL A 430 18.30 20.91 24.55
N ASN A 431 18.06 19.61 24.52
CA ASN A 431 19.07 18.63 24.82
C ASN A 431 19.21 17.61 23.73
N SER A 432 18.92 18.03 22.51
CA SER A 432 19.22 17.21 21.35
C SER A 432 20.21 17.88 20.38
N PRO A 433 20.86 17.08 19.52
CA PRO A 433 21.90 17.59 18.61
C PRO A 433 21.39 18.56 17.52
N GLU A 434 22.33 19.27 16.92
CA GLU A 434 22.07 20.20 15.85
C GLU A 434 21.71 19.43 14.65
N GLU A 435 22.53 18.42 14.38
CA GLU A 435 22.31 17.54 13.27
C GLU A 435 22.11 16.12 13.82
N PRO A 436 20.86 15.72 14.14
CA PRO A 436 20.62 14.35 14.62
C PRO A 436 20.97 13.40 13.51
N SER A 437 21.32 12.17 13.88
CA SER A 437 21.52 11.15 12.90
C SER A 437 20.14 10.76 12.32
N LEU A 438 20.14 10.10 11.17
CA LEU A 438 18.92 9.67 10.52
C LEU A 438 18.38 8.41 11.22
N SER A 439 17.12 8.41 11.60
CA SER A 439 16.55 7.20 12.16
C SER A 439 16.53 6.08 11.11
N ARG A 440 16.61 4.82 11.55
CA ARG A 440 16.44 3.69 10.65
C ARG A 440 15.09 3.75 9.99
N MET A 441 14.13 4.42 10.61
CA MET A 441 12.77 4.43 10.06
C MET A 441 12.63 5.29 8.83
N VAL A 442 13.54 6.24 8.60
CA VAL A 442 13.35 7.26 7.55
C VAL A 442 14.58 7.51 6.64
N THR A 443 14.36 7.78 5.36
CA THR A 443 15.49 8.16 4.51
C THR A 443 15.60 9.68 4.57
N GLU A 444 16.74 10.20 4.13
CA GLU A 444 16.91 11.63 3.98
C GLU A 444 15.83 12.23 3.07
N GLU A 445 15.52 11.52 1.98
CA GLU A 445 14.49 11.95 1.02
C GLU A 445 13.16 12.14 1.72
N GLU A 446 12.73 11.11 2.43
CA GLU A 446 11.52 11.22 3.24
C GLU A 446 11.46 12.37 4.26
N ILE A 447 12.55 12.67 4.98
CA ILE A 447 12.60 13.83 5.89
C ILE A 447 12.32 15.10 5.09
N GLN A 448 12.97 15.18 3.94
CA GLN A 448 12.84 16.37 3.10
C GLN A 448 11.42 16.63 2.55
N PHE A 449 10.69 15.57 2.21
CA PHE A 449 9.24 15.68 1.97
C PHE A 449 8.52 16.38 3.12
N TYR A 450 8.74 15.94 4.34
CA TYR A 450 8.13 16.64 5.47
C TYR A 450 8.51 18.11 5.51
N VAL A 451 9.82 18.37 5.47
CA VAL A 451 10.38 19.69 5.53
C VAL A 451 9.63 20.55 4.51
N GLN A 452 9.53 20.06 3.26
CA GLN A 452 8.88 20.83 2.19
C GLN A 452 7.40 21.09 2.46
N GLN A 453 6.66 20.07 2.90
CA GLN A 453 5.28 20.26 3.35
C GLN A 453 5.19 21.34 4.42
N PHE A 454 6.02 21.30 5.44
CA PHE A 454 5.89 22.31 6.50
C PHE A 454 6.40 23.74 6.16
N LYS A 455 7.05 23.88 5.02
CA LYS A 455 7.38 25.19 4.50
C LYS A 455 6.13 25.95 4.06
N LYS A 456 5.08 25.22 3.66
CA LYS A 456 3.86 25.89 3.26
C LYS A 456 3.25 26.58 4.50
N SER A 457 2.86 25.86 5.54
CA SER A 457 2.21 26.64 6.57
C SER A 457 2.90 26.67 7.91
N GLY A 458 4.04 25.99 8.10
CA GLY A 458 4.60 25.90 9.46
C GLY A 458 3.64 25.23 10.47
N PHE A 459 3.80 25.59 11.74
CA PHE A 459 3.33 24.80 12.86
C PHE A 459 2.20 25.47 13.63
N ARG A 460 1.75 26.64 13.19
CA ARG A 460 0.64 27.34 13.87
C ARG A 460 -0.68 26.53 13.90
N GLY A 461 -1.15 26.14 12.72
CA GLY A 461 -2.33 25.28 12.60
C GLY A 461 -2.20 23.92 13.28
N PRO A 462 -1.14 23.18 12.97
CA PRO A 462 -0.85 21.95 13.73
C PRO A 462 -0.90 22.12 15.26
N LEU A 463 -0.20 23.12 15.80
CA LEU A 463 -0.17 23.41 17.23
C LEU A 463 -1.52 23.80 17.76
N ASN A 464 -2.28 24.60 17.00
CA ASN A 464 -3.64 24.92 17.44
C ASN A 464 -4.49 23.71 17.79
N TRP A 465 -4.21 22.56 17.18
CA TRP A 465 -4.94 21.35 17.59
C TRP A 465 -4.90 21.18 19.14
N TYR A 466 -3.83 21.66 19.77
CA TYR A 466 -3.61 21.43 21.20
C TYR A 466 -4.15 22.56 22.02
N ARG A 467 -4.72 23.57 21.37
CA ARG A 467 -5.06 24.81 22.04
C ARG A 467 -6.57 24.98 22.26
N ASN A 468 -7.31 23.89 22.30
CA ASN A 468 -8.76 23.97 22.52
C ASN A 468 -9.17 22.94 23.58
N MET A 469 -8.32 22.75 24.58
CA MET A 469 -8.57 21.81 25.66
C MET A 469 -9.96 22.04 26.26
N GLU A 470 -10.22 23.27 26.66
CA GLU A 470 -11.47 23.65 27.30
C GLU A 470 -12.65 23.45 26.38
N ARG A 471 -12.51 23.90 25.14
CA ARG A 471 -13.59 23.86 24.17
C ARG A 471 -13.97 22.39 23.88
N ASN A 472 -12.95 21.56 23.67
CA ASN A 472 -13.13 20.15 23.44
C ASN A 472 -13.78 19.51 24.64
N TRP A 473 -13.31 19.88 25.85
CA TRP A 473 -13.88 19.39 27.10
C TRP A 473 -15.41 19.64 27.14
N LYS A 474 -15.83 20.89 26.94
CA LYS A 474 -17.25 21.21 26.97
C LYS A 474 -18.05 20.43 25.91
N TRP A 475 -17.50 20.22 24.73
CA TRP A 475 -18.18 19.50 23.66
C TRP A 475 -18.26 18.02 24.00
N ALA A 476 -17.16 17.47 24.49
CA ALA A 476 -17.07 16.07 24.83
C ALA A 476 -18.05 15.68 25.97
N CYS A 477 -18.28 16.61 26.90
CA CYS A 477 -19.17 16.39 28.04
C CYS A 477 -20.59 16.05 27.56
N LYS A 478 -20.99 16.60 26.40
CA LYS A 478 -22.29 16.20 25.79
C LYS A 478 -22.37 14.71 25.45
N SER A 479 -21.22 14.01 25.38
CA SER A 479 -21.20 12.63 24.89
C SER A 479 -21.07 11.60 25.99
N LEU A 480 -21.16 12.06 27.24
CA LEU A 480 -20.81 11.23 28.41
C LEU A 480 -21.82 10.13 28.72
N GLY A 481 -23.08 10.28 28.29
CA GLY A 481 -24.04 9.15 28.35
C GLY A 481 -23.95 8.13 27.21
N ARG A 482 -23.13 8.38 26.18
CA ARG A 482 -23.21 7.51 25.01
C ARG A 482 -22.22 6.38 25.15
N LYS A 483 -22.29 5.45 24.23
CA LYS A 483 -21.26 4.43 24.14
C LYS A 483 -20.97 4.34 22.66
N ILE A 484 -19.80 3.81 22.36
CA ILE A 484 -19.42 3.46 21.02
C ILE A 484 -19.72 2.00 20.77
N LEU A 485 -20.71 1.80 19.90
CA LEU A 485 -21.30 0.50 19.64
C LEU A 485 -21.13 0.09 18.18
N ILE A 486 -20.46 0.92 17.37
CA ILE A 486 -20.08 0.54 15.99
C ILE A 486 -18.72 -0.19 16.01
N PRO A 487 -18.33 -0.85 14.93
CA PRO A 487 -17.12 -1.67 15.02
C PRO A 487 -15.90 -0.78 15.28
N ALA A 488 -14.98 -1.23 16.12
CA ALA A 488 -13.93 -0.39 16.73
C ALA A 488 -12.71 -1.23 17.08
N LEU A 489 -11.54 -0.71 16.72
CA LEU A 489 -10.25 -1.33 16.96
C LEU A 489 -9.30 -0.37 17.64
N MET A 490 -8.67 -0.81 18.72
CA MET A 490 -7.65 -0.01 19.39
C MET A 490 -6.34 -0.75 19.21
N VAL A 491 -5.32 -0.07 18.68
CA VAL A 491 -4.03 -0.70 18.50
C VAL A 491 -3.04 0.00 19.42
N THR A 492 -2.48 -0.75 20.36
CA THR A 492 -1.53 -0.12 21.27
C THR A 492 -0.10 -0.41 20.80
N ALA A 493 0.80 0.51 21.16
CA ALA A 493 2.20 0.49 20.72
C ALA A 493 3.06 0.30 21.98
N GLU A 494 3.70 -0.87 22.11
CA GLU A 494 4.37 -1.21 23.36
C GLU A 494 5.24 -0.07 23.91
N LYS A 495 6.01 0.59 23.05
CA LYS A 495 7.04 1.52 23.48
C LYS A 495 6.78 2.99 23.19
N ASP A 496 5.51 3.32 23.04
CA ASP A 496 5.14 4.73 22.97
C ASP A 496 5.09 5.22 24.43
N PHE A 497 5.98 6.15 24.76
CA PHE A 497 6.10 6.51 26.16
C PHE A 497 5.22 7.65 26.55
N VAL A 498 4.47 8.16 25.57
CA VAL A 498 3.38 9.12 25.83
C VAL A 498 1.99 8.44 25.85
N LEU A 499 1.65 7.85 24.71
CA LEU A 499 0.40 7.14 24.60
C LEU A 499 0.67 5.69 24.97
N VAL A 500 0.91 5.43 26.26
CA VAL A 500 1.30 4.09 26.70
C VAL A 500 0.08 3.18 26.58
N PRO A 501 0.28 1.87 26.34
CA PRO A 501 -0.82 0.87 26.27
C PRO A 501 -1.80 0.89 27.42
N GLN A 502 -1.30 0.97 28.65
CA GLN A 502 -2.15 1.06 29.85
C GLN A 502 -3.11 2.26 29.86
N MET A 503 -2.76 3.34 29.18
CA MET A 503 -3.69 4.48 29.06
C MET A 503 -5.02 4.05 28.43
N SER A 504 -5.02 2.96 27.64
CA SER A 504 -6.24 2.44 26.93
C SER A 504 -7.05 1.37 27.70
N GLN A 505 -6.64 1.06 28.93
CA GLN A 505 -7.13 -0.13 29.63
C GLN A 505 -8.59 -0.11 30.08
N HIS A 506 -9.18 1.07 30.22
CA HIS A 506 -10.61 1.17 30.55
C HIS A 506 -11.58 1.29 29.37
N MET A 507 -11.04 1.24 28.15
CA MET A 507 -11.82 1.56 26.98
C MET A 507 -13.05 0.64 26.82
N GLU A 508 -12.93 -0.66 27.16
CA GLU A 508 -14.11 -1.58 27.11
C GLU A 508 -15.34 -1.03 27.82
N ASP A 509 -15.20 -0.26 28.90
CA ASP A 509 -16.37 0.35 29.54
C ASP A 509 -17.21 1.25 28.60
N TRP A 510 -16.55 1.88 27.62
CA TRP A 510 -17.22 2.84 26.75
C TRP A 510 -17.47 2.22 25.37
N ILE A 511 -16.73 1.15 25.10
CA ILE A 511 -16.77 0.48 23.80
C ILE A 511 -16.76 -1.01 24.08
N PRO A 512 -17.88 -1.58 24.55
CA PRO A 512 -17.87 -2.99 25.05
C PRO A 512 -17.45 -4.03 24.02
N HIS A 513 -17.68 -3.79 22.74
CA HIS A 513 -17.23 -4.78 21.74
C HIS A 513 -15.90 -4.43 21.06
N LEU A 514 -15.23 -3.39 21.56
CA LEU A 514 -13.85 -3.06 21.13
C LEU A 514 -12.93 -4.26 20.83
N LYS A 515 -12.27 -4.25 19.67
CA LYS A 515 -11.20 -5.20 19.33
C LYS A 515 -9.87 -4.53 19.45
N ARG A 516 -8.82 -5.34 19.65
CA ARG A 516 -7.49 -4.83 19.98
C ARG A 516 -6.45 -5.42 19.07
N GLY A 517 -5.35 -4.71 18.90
CA GLY A 517 -4.11 -5.31 18.38
C GLY A 517 -3.00 -4.66 19.21
N HIS A 518 -1.80 -5.17 19.11
CA HIS A 518 -0.77 -4.65 19.98
C HIS A 518 0.48 -4.93 19.22
N ILE A 519 1.35 -3.93 19.21
CA ILE A 519 2.59 -4.09 18.49
C ILE A 519 3.75 -3.88 19.45
N GLU A 520 4.58 -4.89 19.47
CA GLU A 520 5.68 -4.90 20.38
C GLU A 520 6.81 -4.18 19.74
N ASP A 521 7.59 -3.54 20.58
CA ASP A 521 8.85 -2.92 20.23
C ASP A 521 8.59 -1.86 19.16
N CYS A 522 7.55 -1.06 19.38
CA CYS A 522 7.10 -0.08 18.43
C CYS A 522 6.88 1.20 19.20
N GLY A 523 7.54 2.26 18.80
CA GLY A 523 7.46 3.52 19.48
C GLY A 523 6.19 4.29 19.08
N HIS A 524 6.29 5.63 19.14
CA HIS A 524 5.17 6.51 18.89
C HIS A 524 4.78 6.62 17.41
N TRP A 525 5.75 6.47 16.51
CA TRP A 525 5.50 6.68 15.06
C TRP A 525 5.09 5.37 14.41
N THR A 526 3.96 4.84 14.86
CA THR A 526 3.56 3.49 14.52
C THR A 526 3.69 3.07 13.08
N GLN A 527 3.17 3.88 12.14
CA GLN A 527 2.98 3.42 10.79
C GLN A 527 4.31 3.15 10.12
N MET A 528 5.34 3.92 10.48
CA MET A 528 6.63 3.78 9.79
C MET A 528 7.58 2.96 10.62
N ASP A 529 7.25 2.76 11.89
CA ASP A 529 8.06 1.99 12.80
C ASP A 529 7.82 0.53 12.50
N LYS A 530 6.54 0.10 12.48
CA LYS A 530 6.19 -1.31 12.24
C LYS A 530 5.18 -1.44 11.13
N PRO A 531 5.54 -0.98 9.91
CA PRO A 531 4.56 -0.89 8.81
C PRO A 531 3.91 -2.22 8.50
N THR A 532 4.73 -3.24 8.48
CA THR A 532 4.27 -4.60 8.22
C THR A 532 3.21 -5.07 9.24
N GLU A 533 3.41 -4.82 10.51
CA GLU A 533 2.48 -5.35 11.53
C GLU A 533 1.18 -4.52 11.49
N VAL A 534 1.35 -3.20 11.35
CA VAL A 534 0.24 -2.29 11.18
C VAL A 534 -0.66 -2.74 10.03
N ASN A 535 -0.06 -2.96 8.86
CA ASN A 535 -0.84 -3.40 7.69
C ASN A 535 -1.62 -4.67 7.98
N GLN A 536 -0.94 -5.66 8.55
CA GLN A 536 -1.59 -6.92 8.80
C GLN A 536 -2.74 -6.77 9.81
N ILE A 537 -2.51 -6.05 10.92
CA ILE A 537 -3.57 -5.84 11.92
C ILE A 537 -4.79 -5.07 11.35
N LEU A 538 -4.56 -4.07 10.49
CA LEU A 538 -5.67 -3.28 9.87
C LEU A 538 -6.48 -4.05 8.84
N ILE A 539 -5.77 -4.81 8.00
CA ILE A 539 -6.44 -5.61 6.96
C ILE A 539 -7.24 -6.75 7.59
N LYS A 540 -6.64 -7.49 8.52
CA LYS A 540 -7.41 -8.48 9.26
C LYS A 540 -8.71 -7.83 9.88
N TRP A 541 -8.56 -6.71 10.59
CA TRP A 541 -9.71 -6.04 11.18
C TRP A 541 -10.67 -5.46 10.12
N LEU A 542 -10.15 -4.82 9.10
CA LEU A 542 -11.05 -4.42 7.97
C LEU A 542 -11.90 -5.56 7.42
N ASP A 543 -11.25 -6.66 7.04
CA ASP A 543 -11.93 -7.73 6.34
C ASP A 543 -12.97 -8.34 7.19
N SER A 544 -12.78 -8.40 8.49
CA SER A 544 -13.79 -9.01 9.34
C SER A 544 -14.83 -8.06 9.93
N ASP A 545 -14.56 -6.76 10.03
CA ASP A 545 -15.47 -5.85 10.77
C ASP A 545 -16.03 -4.72 9.94
N ALA A 546 -15.47 -4.49 8.76
CA ALA A 546 -15.82 -3.30 8.00
C ALA A 546 -16.20 -3.58 6.58
N ARG A 547 -16.42 -4.85 6.28
CA ARG A 547 -16.54 -5.34 4.92
C ARG A 547 -17.80 -6.18 4.80
MG MG B . 5.96 -18.81 -20.02
C17 49Q C . -8.03 15.94 29.30
C14 49Q C . -7.75 16.71 28.19
C15 49Q C . -7.27 14.82 29.57
C11 49Q C . -6.70 16.35 27.37
C12 49Q C . -6.21 14.47 28.77
C5 49Q C . -4.37 14.44 22.13
C6 49Q C . -3.82 12.47 23.39
C2 49Q C . -4.93 14.95 23.28
C3 49Q C . -4.37 12.96 24.56
C8 49Q C . -3.82 13.19 22.20
C9 49Q C . -5.93 15.25 27.66
C1 49Q C . -4.92 14.22 24.46
C10 49Q C . -3.23 12.65 20.97
C7 49Q C . -4.80 14.88 26.75
C13 49Q C . -1.74 12.85 21.12
C16 49Q C . -1.26 14.23 20.76
O18 49Q C . 0.17 14.12 20.85
O4 49Q C . -5.53 14.86 25.51
#